data_3BRM
#
_entry.id   3BRM
#
_cell.length_a   71.247
_cell.length_b   184.701
_cell.length_c   51.422
_cell.angle_alpha   90.00
_cell.angle_beta   90.00
_cell.angle_gamma   90.00
#
_symmetry.space_group_name_H-M   'P 21 21 2'
#
loop_
_entity.id
_entity.type
_entity.pdbx_description
1 polymer 'Glutaminase 1'
2 non-polymer 5-OXO-L-NORLEUCINE
3 water water
#
_entity_poly.entity_id   1
_entity_poly.type   'polypeptide(L)'
_entity_poly.pdbx_seq_one_letter_code
;SNA(MSE)KELIKEHQKDINPALQLHDWVEYYRPFAANGQSANYIPALGKVNDSQLGICVLEPDGT(MSE)IHAGDWNVS
FT(MSE)QSISKVISFIAAC(MSE)SRGIPYVLDRVDVEPTGDAFNSIIRLEINKPGKPFNP(MSE)INAGALTIASILP
GESAYEKLEFLYSV(MSE)ETLIGKRPRIHEEVFRSEWETAHRNRALAYYLKETNFLEAEVEETLEVYLKQCA(MSE)ES
TTEDIALIGLILAHDGYHPIRHEQVIPKDVAKLAKAL(MSE)LTCG(MSE)YNASGKYAAFVGVPAKSGVSGGI(MSE)A
LVPPSARREQPFQSGCGIGIYGPAIDEYGNSLTGG(MSE)LLKH(MSE)AQEWELSIF
;
_entity_poly.pdbx_strand_id   A,B
#
# COMPACT_ATOMS: atom_id res chain seq x y z
N ASN A 16 25.65 -15.20 5.55
CA ASN A 16 25.44 -16.41 4.69
C ASN A 16 23.95 -16.78 4.50
N PRO A 17 23.27 -16.17 3.50
CA PRO A 17 21.82 -16.31 3.29
C PRO A 17 21.29 -17.74 3.24
N ALA A 18 22.02 -18.64 2.56
CA ALA A 18 21.64 -20.03 2.42
C ALA A 18 21.54 -20.80 3.75
N LEU A 19 22.60 -20.73 4.57
CA LEU A 19 22.59 -21.39 5.87
C LEU A 19 21.52 -20.77 6.78
N GLN A 20 21.44 -19.45 6.76
CA GLN A 20 20.34 -18.72 7.37
C GLN A 20 18.92 -19.21 6.99
N LEU A 21 18.62 -19.22 5.69
CA LEU A 21 17.36 -19.81 5.21
C LEU A 21 17.11 -21.23 5.72
N HIS A 22 18.16 -22.07 5.77
CA HIS A 22 18.06 -23.43 6.36
C HIS A 22 17.64 -23.38 7.83
N ASP A 23 18.32 -22.56 8.63
CA ASP A 23 18.00 -22.47 10.06
C ASP A 23 16.63 -21.90 10.36
N TRP A 24 16.20 -20.96 9.49
CA TRP A 24 14.92 -20.27 9.65
C TRP A 24 13.75 -21.18 9.28
N VAL A 25 13.88 -21.94 8.19
CA VAL A 25 12.89 -22.98 7.89
C VAL A 25 12.75 -24.00 9.03
N GLU A 26 13.87 -24.56 9.47
CA GLU A 26 13.95 -25.44 10.65
C GLU A 26 13.23 -24.81 11.84
N TYR A 27 13.57 -23.55 12.16
CA TYR A 27 12.91 -22.87 13.27
C TYR A 27 11.42 -22.67 13.09
N TYR A 28 10.97 -22.24 11.91
CA TYR A 28 9.56 -21.87 11.75
C TYR A 28 8.65 -23.03 11.47
N ARG A 29 9.21 -24.11 10.94
CA ARG A 29 8.44 -25.31 10.58
C ARG A 29 7.34 -25.77 11.57
N PRO A 30 7.70 -26.00 12.87
CA PRO A 30 6.72 -26.49 13.87
C PRO A 30 5.43 -25.63 14.04
N PHE A 31 5.55 -24.30 13.96
CA PHE A 31 4.40 -23.40 14.13
C PHE A 31 3.19 -23.78 13.26
N ALA A 32 3.44 -24.54 12.19
CA ALA A 32 2.38 -25.13 11.36
C ALA A 32 1.20 -25.68 12.17
N ALA A 33 1.50 -26.29 13.32
CA ALA A 33 0.52 -26.75 14.31
C ALA A 33 -0.59 -25.76 14.72
N ASN A 34 -0.34 -24.45 14.56
CA ASN A 34 -1.36 -23.39 14.83
C ASN A 34 -2.32 -23.15 13.66
N GLY A 35 -2.01 -23.72 12.50
CA GLY A 35 -2.77 -23.43 11.30
C GLY A 35 -3.61 -24.60 10.81
N GLN A 36 -4.07 -24.51 9.58
CA GLN A 36 -4.80 -25.59 8.94
C GLN A 36 -4.78 -25.43 7.43
N SER A 37 -4.63 -26.55 6.74
CA SER A 37 -4.83 -26.62 5.29
C SER A 37 -6.30 -26.31 4.95
N ALA A 38 -6.52 -25.83 3.72
CA ALA A 38 -7.81 -25.27 3.31
C ALA A 38 -8.99 -26.25 3.32
N PRO A 42 -10.83 -28.96 -0.75
CA PRO A 42 -11.22 -30.33 -0.37
C PRO A 42 -10.13 -31.34 -0.74
N ALA A 43 -9.72 -31.34 -2.01
CA ALA A 43 -8.47 -31.97 -2.46
C ALA A 43 -7.26 -31.31 -1.77
N LEU A 44 -7.44 -30.02 -1.47
CA LEU A 44 -6.48 -29.20 -0.72
C LEU A 44 -6.26 -29.61 0.74
N GLY A 45 -7.19 -30.38 1.31
CA GLY A 45 -7.10 -30.81 2.70
C GLY A 45 -6.38 -32.13 2.92
N LYS A 46 -6.13 -32.86 1.83
CA LYS A 46 -5.40 -34.15 1.85
C LYS A 46 -3.94 -34.00 2.29
N ASN A 48 0.64 -32.51 3.19
CA ASN A 48 1.18 -32.40 4.55
C ASN A 48 1.21 -30.93 5.05
N ASP A 49 0.72 -30.75 6.27
CA ASP A 49 0.59 -29.46 6.96
C ASP A 49 1.92 -28.75 7.26
N SER A 50 2.97 -29.53 7.46
CA SER A 50 4.19 -29.01 8.07
C SER A 50 5.30 -28.74 7.07
N GLN A 51 4.99 -28.91 5.80
CA GLN A 51 5.91 -28.54 4.71
C GLN A 51 6.22 -27.06 4.73
N LEU A 52 7.45 -26.72 4.34
CA LEU A 52 7.87 -25.34 4.32
C LEU A 52 9.03 -25.23 3.38
N GLY A 53 8.86 -24.44 2.34
CA GLY A 53 9.91 -24.25 1.39
C GLY A 53 10.04 -22.81 0.99
N ILE A 54 11.23 -22.49 0.51
CA ILE A 54 11.54 -21.13 0.07
C ILE A 54 12.55 -21.25 -1.06
N CYS A 55 12.45 -20.33 -2.01
CA CYS A 55 13.45 -20.13 -3.03
C CYS A 55 13.61 -18.62 -3.26
N VAL A 56 14.86 -18.20 -3.36
CA VAL A 56 15.22 -16.81 -3.64
C VAL A 56 16.12 -16.83 -4.89
N LEU A 57 15.79 -15.98 -5.83
CA LEU A 57 16.46 -15.95 -7.09
C LEU A 57 16.99 -14.54 -7.36
N GLU A 58 18.26 -14.39 -7.75
CA GLU A 58 18.79 -13.09 -8.14
C GLU A 58 18.98 -12.92 -9.66
N PRO A 59 19.06 -11.68 -10.16
CA PRO A 59 19.14 -11.42 -11.61
C PRO A 59 20.31 -12.14 -12.31
N ASP A 60 21.45 -12.32 -11.63
CA ASP A 60 22.61 -13.07 -12.17
C ASP A 60 22.39 -14.60 -12.19
N GLY A 61 21.18 -15.04 -11.81
CA GLY A 61 20.76 -16.42 -11.92
C GLY A 61 20.99 -17.29 -10.70
N THR A 62 21.65 -16.76 -9.68
CA THR A 62 21.91 -17.60 -8.51
C THR A 62 20.62 -17.76 -7.74
N MSE A 63 20.35 -18.99 -7.35
CA MSE A 63 19.18 -19.27 -6.53
C MSE A 63 19.61 -19.98 -5.26
O MSE A 63 20.51 -20.80 -5.30
CB MSE A 63 18.14 -20.07 -7.30
CG MSE A 63 18.09 -21.55 -7.01
SE MSE A 63 16.73 -22.38 -8.14
CE MSE A 63 17.52 -24.16 -8.20
N ILE A 64 18.98 -19.64 -4.14
CA ILE A 64 19.21 -20.29 -2.86
C ILE A 64 17.88 -20.97 -2.51
N HIS A 65 17.90 -22.16 -1.93
CA HIS A 65 16.63 -22.78 -1.49
C HIS A 65 16.76 -23.62 -0.22
N ALA A 66 15.62 -23.87 0.41
CA ALA A 66 15.56 -24.59 1.66
C ALA A 66 14.18 -25.23 1.81
N GLY A 67 14.11 -26.30 2.61
CA GLY A 67 12.88 -27.03 2.89
C GLY A 67 12.27 -27.60 1.63
N ASP A 68 10.95 -27.63 1.61
CA ASP A 68 10.14 -28.24 0.54
C ASP A 68 9.97 -27.29 -0.65
N TRP A 69 11.13 -26.92 -1.21
CA TRP A 69 11.27 -25.88 -2.21
C TRP A 69 10.89 -26.33 -3.63
N ASN A 70 10.81 -27.66 -3.82
CA ASN A 70 10.59 -28.28 -5.13
C ASN A 70 9.28 -29.10 -5.19
N VAL A 71 8.58 -29.22 -4.08
CA VAL A 71 7.21 -29.72 -4.02
C VAL A 71 6.26 -28.86 -4.91
N SER A 72 5.54 -29.52 -5.81
CA SER A 72 4.46 -28.87 -6.58
C SER A 72 3.27 -28.50 -5.70
N PHE A 73 2.60 -27.43 -6.11
CA PHE A 73 1.35 -26.99 -5.53
C PHE A 73 0.60 -26.14 -6.53
N THR A 74 -0.69 -25.92 -6.26
CA THR A 74 -1.47 -25.10 -7.16
C THR A 74 -1.30 -23.60 -6.76
N MSE A 75 -1.18 -22.75 -7.76
CA MSE A 75 -0.99 -21.31 -7.56
C MSE A 75 -2.14 -20.63 -6.81
O MSE A 75 -1.90 -19.74 -6.02
CB MSE A 75 -0.75 -20.62 -8.86
CG MSE A 75 0.76 -20.64 -9.26
SE MSE A 75 0.80 -19.99 -11.07
CE MSE A 75 1.52 -18.24 -10.58
N GLN A 76 -3.37 -21.09 -7.02
CA GLN A 76 -4.54 -20.51 -6.41
C GLN A 76 -4.52 -19.00 -6.64
N SER A 77 -4.73 -18.21 -5.61
CA SER A 77 -4.79 -16.76 -5.79
C SER A 77 -3.55 -16.10 -6.33
N ILE A 78 -2.38 -16.70 -6.20
CA ILE A 78 -1.18 -16.16 -6.90
C ILE A 78 -1.45 -15.97 -8.43
N SER A 79 -2.32 -16.78 -9.03
CA SER A 79 -2.64 -16.66 -10.46
C SER A 79 -3.41 -15.38 -10.79
N LYS A 80 -4.13 -14.81 -9.80
CA LYS A 80 -4.86 -13.55 -10.05
C LYS A 80 -3.91 -12.47 -10.56
N VAL A 81 -2.65 -12.56 -10.15
CA VAL A 81 -1.60 -11.59 -10.52
C VAL A 81 -1.25 -11.78 -12.00
N ILE A 82 -1.07 -13.01 -12.44
CA ILE A 82 -0.80 -13.35 -13.85
C ILE A 82 -1.96 -13.03 -14.78
N SER A 83 -3.16 -13.38 -14.32
CA SER A 83 -4.39 -13.07 -14.99
C SER A 83 -4.57 -11.61 -15.26
N PHE A 84 -4.46 -10.85 -14.18
CA PHE A 84 -4.52 -9.42 -14.24
C PHE A 84 -3.46 -8.84 -15.21
N ILE A 85 -2.22 -9.29 -15.12
CA ILE A 85 -1.13 -8.83 -16.02
C ILE A 85 -1.51 -9.17 -17.43
N ALA A 86 -1.89 -10.42 -17.65
CA ALA A 86 -2.35 -10.85 -18.97
C ALA A 86 -3.52 -10.03 -19.51
N ALA A 87 -4.52 -9.71 -18.69
CA ALA A 87 -5.62 -8.84 -19.14
C ALA A 87 -5.16 -7.44 -19.52
N CYS A 88 -4.26 -6.84 -18.74
CA CYS A 88 -3.68 -5.53 -19.12
C CYS A 88 -2.91 -5.58 -20.46
N MSE A 89 -2.12 -6.63 -20.66
CA MSE A 89 -1.35 -6.72 -21.87
C MSE A 89 -2.21 -6.76 -23.13
O MSE A 89 -1.90 -6.09 -24.11
CB MSE A 89 -0.36 -7.86 -21.79
CG MSE A 89 0.86 -7.58 -20.93
SE MSE A 89 1.87 -9.22 -20.51
CE MSE A 89 2.63 -9.49 -22.33
N SER A 90 -3.31 -7.51 -23.11
CA SER A 90 -4.17 -7.57 -24.30
C SER A 90 -5.17 -6.42 -24.42
N ARG A 91 -5.79 -6.01 -23.32
CA ARG A 91 -6.86 -5.04 -23.42
C ARG A 91 -6.37 -3.62 -23.09
N GLY A 92 -5.17 -3.54 -22.51
CA GLY A 92 -4.59 -2.29 -22.03
C GLY A 92 -5.11 -1.87 -20.65
N ILE A 93 -4.26 -1.14 -19.91
CA ILE A 93 -4.62 -0.63 -18.60
C ILE A 93 -5.94 0.14 -18.52
N PRO A 94 -6.18 1.16 -19.42
CA PRO A 94 -7.46 1.91 -19.30
C PRO A 94 -8.73 1.05 -19.22
N TYR A 95 -8.78 0.01 -20.05
CA TYR A 95 -9.97 -0.78 -20.21
C TYR A 95 -10.22 -1.68 -18.99
N VAL A 96 -9.14 -2.26 -18.48
CA VAL A 96 -9.18 -3.14 -17.34
C VAL A 96 -9.65 -2.31 -16.14
N LEU A 97 -9.08 -1.13 -15.94
CA LEU A 97 -9.45 -0.26 -14.76
C LEU A 97 -10.89 0.35 -14.77
N ASP A 98 -11.58 0.27 -15.90
CA ASP A 98 -13.00 0.56 -15.93
C ASP A 98 -13.87 -0.53 -15.37
N ARG A 99 -13.30 -1.73 -15.28
CA ARG A 99 -14.09 -2.89 -14.93
C ARG A 99 -13.71 -3.45 -13.57
N VAL A 100 -12.52 -3.06 -13.16
CA VAL A 100 -11.93 -3.52 -11.91
C VAL A 100 -11.35 -2.30 -11.14
N ASP A 101 -11.48 -2.29 -9.83
CA ASP A 101 -10.91 -1.22 -8.96
C ASP A 101 -9.42 -1.47 -8.53
N VAL A 102 -8.66 -0.42 -8.22
CA VAL A 102 -7.31 -0.60 -7.66
C VAL A 102 -7.28 -0.46 -6.17
N GLU A 103 -8.40 -0.09 -5.57
CA GLU A 103 -8.48 0.18 -4.13
C GLU A 103 -8.75 -1.10 -3.37
N PRO A 104 -8.45 -1.14 -2.06
CA PRO A 104 -9.17 -2.11 -1.17
C PRO A 104 -10.65 -1.76 -0.84
N LYS A 122 -20.79 -1.69 -8.87
CA LYS A 122 -19.41 -1.17 -8.74
C LYS A 122 -18.31 -2.20 -9.09
N PRO A 123 -17.15 -1.74 -9.61
CA PRO A 123 -16.06 -2.70 -9.87
C PRO A 123 -15.56 -3.35 -8.58
N PHE A 124 -14.94 -4.51 -8.67
CA PHE A 124 -14.28 -5.14 -7.56
C PHE A 124 -12.77 -5.28 -7.82
N ASN A 125 -11.98 -5.43 -6.75
CA ASN A 125 -10.50 -5.44 -6.82
C ASN A 125 -9.98 -6.72 -7.45
N PRO A 126 -9.03 -6.65 -8.41
CA PRO A 126 -8.64 -7.93 -9.14
C PRO A 126 -7.98 -8.97 -8.23
N MSE A 127 -7.59 -8.54 -7.02
CA MSE A 127 -6.99 -9.45 -6.06
C MSE A 127 -8.04 -10.19 -5.27
O MSE A 127 -7.77 -11.21 -4.64
CB MSE A 127 -6.00 -8.71 -5.13
CG MSE A 127 -4.73 -8.09 -5.84
SE MSE A 127 -3.66 -9.38 -6.84
CE MSE A 127 -4.37 -8.97 -8.59
N ILE A 128 -9.28 -9.78 -5.33
CA ILE A 128 -10.32 -10.62 -4.69
C ILE A 128 -11.13 -11.38 -5.75
N ASN A 129 -11.83 -12.41 -5.32
CA ASN A 129 -12.56 -13.33 -6.21
C ASN A 129 -13.41 -12.61 -7.25
N ALA A 130 -14.14 -11.59 -6.81
CA ALA A 130 -15.03 -10.84 -7.69
C ALA A 130 -14.26 -10.16 -8.81
N GLY A 131 -13.14 -9.51 -8.48
CA GLY A 131 -12.36 -8.81 -9.50
C GLY A 131 -11.60 -9.79 -10.35
N ALA A 132 -11.05 -10.85 -9.75
CA ALA A 132 -10.46 -11.95 -10.48
C ALA A 132 -11.42 -12.61 -11.54
N LEU A 133 -12.69 -12.77 -11.22
CA LEU A 133 -13.66 -13.32 -12.15
C LEU A 133 -13.94 -12.32 -13.28
N THR A 134 -14.14 -11.04 -12.99
CA THR A 134 -14.21 -10.01 -14.03
C THR A 134 -12.99 -10.08 -15.01
N ILE A 135 -11.78 -10.13 -14.45
CA ILE A 135 -10.51 -10.28 -15.21
C ILE A 135 -10.52 -11.51 -16.12
N ALA A 136 -10.80 -12.70 -15.55
CA ALA A 136 -10.91 -13.93 -16.33
C ALA A 136 -11.84 -13.68 -17.49
N SER A 137 -12.95 -13.02 -17.23
CA SER A 137 -13.98 -12.79 -18.28
C SER A 137 -13.58 -11.81 -19.39
N ILE A 138 -12.57 -10.98 -19.18
CA ILE A 138 -12.14 -10.06 -20.22
C ILE A 138 -10.83 -10.47 -20.89
N LEU A 139 -10.24 -11.60 -20.48
CA LEU A 139 -9.18 -12.19 -21.28
C LEU A 139 -9.66 -12.35 -22.74
N PRO A 140 -8.76 -12.24 -23.73
CA PRO A 140 -9.22 -12.38 -25.13
C PRO A 140 -9.45 -13.85 -25.44
N GLY A 141 -10.39 -14.13 -26.31
CA GLY A 141 -10.73 -15.49 -26.69
C GLY A 141 -12.23 -15.63 -26.83
N GLU A 142 -12.67 -16.39 -27.85
CA GLU A 142 -14.10 -16.60 -28.10
C GLU A 142 -14.66 -17.66 -27.16
N SER A 143 -13.79 -18.26 -26.34
CA SER A 143 -14.15 -19.41 -25.49
C SER A 143 -13.23 -19.56 -24.28
N ALA A 144 -13.60 -20.40 -23.33
CA ALA A 144 -12.76 -20.65 -22.18
C ALA A 144 -11.41 -21.26 -22.54
N TYR A 145 -11.40 -22.16 -23.52
CA TYR A 145 -10.18 -22.70 -24.10
C TYR A 145 -9.23 -21.60 -24.65
N GLU A 146 -9.75 -20.65 -25.43
CA GLU A 146 -8.91 -19.56 -25.98
C GLU A 146 -8.28 -18.62 -24.93
N LYS A 147 -9.14 -18.09 -24.08
CA LYS A 147 -8.77 -17.34 -22.87
C LYS A 147 -7.66 -17.99 -22.10
N LEU A 148 -7.79 -19.30 -21.82
CA LEU A 148 -6.74 -20.05 -21.14
C LEU A 148 -5.48 -20.20 -21.96
N GLU A 149 -5.60 -20.42 -23.26
CA GLU A 149 -4.42 -20.41 -24.13
C GLU A 149 -3.67 -19.09 -24.10
N PHE A 150 -4.41 -17.99 -24.03
CA PHE A 150 -3.76 -16.69 -23.91
C PHE A 150 -2.95 -16.57 -22.60
N LEU A 151 -3.57 -17.01 -21.51
CA LEU A 151 -2.96 -17.04 -20.18
C LEU A 151 -1.71 -17.94 -20.09
N TYR A 152 -1.78 -19.15 -20.64
CA TYR A 152 -0.61 -20.05 -20.73
C TYR A 152 0.53 -19.51 -21.59
N SER A 153 0.21 -18.76 -22.65
CA SER A 153 1.26 -18.16 -23.49
C SER A 153 2.05 -17.08 -22.73
N VAL A 154 1.34 -16.29 -21.92
CA VAL A 154 1.98 -15.33 -20.99
C VAL A 154 2.71 -16.09 -19.86
N MSE A 155 2.15 -17.17 -19.37
CA MSE A 155 2.79 -17.89 -18.32
C MSE A 155 4.13 -18.46 -18.78
O MSE A 155 5.12 -18.43 -18.04
CB MSE A 155 1.84 -18.99 -17.81
CG MSE A 155 2.35 -19.62 -16.56
SE MSE A 155 2.40 -18.32 -15.01
CE MSE A 155 0.47 -18.18 -14.84
N GLU A 156 4.14 -18.96 -20.01
CA GLU A 156 5.31 -19.56 -20.63
C GLU A 156 6.44 -18.56 -20.98
N THR A 157 6.06 -17.37 -21.43
CA THR A 157 6.99 -16.21 -21.47
C THR A 157 7.70 -15.94 -20.11
N LEU A 158 6.97 -15.93 -19.01
CA LEU A 158 7.58 -15.77 -17.71
C LEU A 158 8.43 -16.97 -17.33
N ILE A 159 7.83 -18.17 -17.26
CA ILE A 159 8.52 -19.34 -16.68
C ILE A 159 9.21 -20.30 -17.68
N GLY A 160 9.07 -20.06 -18.99
CA GLY A 160 9.77 -20.86 -19.95
C GLY A 160 9.11 -22.18 -20.30
N LYS A 161 7.94 -22.46 -19.72
CA LYS A 161 7.17 -23.67 -20.06
C LYS A 161 5.66 -23.44 -19.95
N ARG A 162 4.90 -24.39 -20.50
CA ARG A 162 3.42 -24.52 -20.36
C ARG A 162 3.06 -25.11 -18.96
N PRO A 163 2.25 -24.41 -18.16
CA PRO A 163 1.97 -24.99 -16.81
C PRO A 163 1.00 -26.20 -16.80
N ARG A 164 1.14 -27.09 -15.80
CA ARG A 164 0.27 -28.25 -15.62
C ARG A 164 -0.94 -27.90 -14.75
N ILE A 165 -2.11 -28.34 -15.20
CA ILE A 165 -3.33 -28.19 -14.45
C ILE A 165 -3.49 -29.44 -13.58
N HIS A 166 -3.50 -29.22 -12.27
CA HIS A 166 -3.87 -30.24 -11.31
C HIS A 166 -5.39 -30.44 -11.44
N GLU A 167 -5.80 -31.37 -12.32
CA GLU A 167 -7.24 -31.59 -12.57
C GLU A 167 -7.97 -32.18 -11.37
N GLU A 168 -7.29 -32.89 -10.48
CA GLU A 168 -7.92 -33.27 -9.23
C GLU A 168 -8.44 -32.00 -8.52
N VAL A 169 -7.54 -31.12 -8.10
CA VAL A 169 -7.93 -29.81 -7.56
C VAL A 169 -9.00 -29.10 -8.41
N PHE A 170 -8.82 -29.07 -9.73
CA PHE A 170 -9.77 -28.35 -10.54
C PHE A 170 -11.17 -28.90 -10.36
N ARG A 171 -11.28 -30.21 -10.47
CA ARG A 171 -12.57 -30.86 -10.50
C ARG A 171 -13.27 -30.82 -9.14
N SER A 172 -12.50 -30.82 -8.06
CA SER A 172 -13.16 -30.79 -6.78
C SER A 172 -13.53 -29.39 -6.33
N GLU A 173 -12.77 -28.35 -6.77
CA GLU A 173 -13.42 -27.02 -7.06
C GLU A 173 -14.54 -26.75 -7.96
N TRP A 174 -14.58 -27.42 -9.11
CA TRP A 174 -15.71 -27.30 -10.01
C TRP A 174 -17.04 -27.67 -9.33
N GLU A 175 -17.02 -28.73 -8.53
CA GLU A 175 -18.27 -29.23 -7.96
C GLU A 175 -18.80 -28.42 -6.80
N THR A 176 -17.89 -27.89 -5.96
CA THR A 176 -18.26 -27.20 -4.73
C THR A 176 -18.15 -25.66 -4.86
N ALA A 177 -18.23 -25.10 -6.07
CA ALA A 177 -17.96 -23.67 -6.29
C ALA A 177 -19.17 -22.74 -6.30
N HIS A 178 -20.13 -23.03 -5.41
CA HIS A 178 -21.33 -22.21 -5.18
C HIS A 178 -21.06 -20.77 -4.91
N ARG A 179 -20.13 -20.47 -3.99
CA ARG A 179 -19.83 -19.09 -3.66
C ARG A 179 -19.39 -18.34 -4.90
N ASN A 180 -18.41 -18.87 -5.63
CA ASN A 180 -17.92 -18.33 -6.91
C ASN A 180 -18.99 -18.18 -7.98
N ARG A 181 -19.89 -19.17 -8.08
CA ARG A 181 -21.05 -19.01 -9.02
C ARG A 181 -22.01 -17.92 -8.61
N ALA A 182 -22.22 -17.73 -7.31
CA ALA A 182 -23.02 -16.61 -6.82
C ALA A 182 -22.47 -15.29 -7.35
N LEU A 183 -21.19 -15.04 -7.04
CA LEU A 183 -20.45 -13.88 -7.48
C LEU A 183 -20.46 -13.70 -8.98
N ALA A 184 -20.18 -14.78 -9.71
CA ALA A 184 -20.17 -14.66 -11.16
C ALA A 184 -21.53 -14.19 -11.68
N TYR A 185 -22.64 -14.74 -11.16
CA TYR A 185 -23.97 -14.30 -11.67
C TYR A 185 -24.30 -12.88 -11.28
N TYR A 186 -23.85 -12.53 -10.08
CA TYR A 186 -23.93 -11.19 -9.56
C TYR A 186 -23.28 -10.20 -10.51
N LEU A 187 -22.05 -10.52 -10.91
CA LEU A 187 -21.29 -9.74 -11.86
C LEU A 187 -21.94 -9.71 -13.22
N LYS A 188 -22.53 -10.83 -13.65
CA LYS A 188 -23.27 -10.82 -14.92
C LYS A 188 -24.47 -9.88 -14.81
N GLU A 189 -25.21 -10.03 -13.73
CA GLU A 189 -26.35 -9.19 -13.45
C GLU A 189 -26.02 -7.71 -13.54
N THR A 190 -24.88 -7.30 -13.00
CA THR A 190 -24.54 -5.89 -12.92
C THR A 190 -23.63 -5.46 -14.05
N ASN A 191 -23.50 -6.32 -15.08
CA ASN A 191 -22.77 -5.96 -16.29
C ASN A 191 -21.24 -5.83 -16.12
N PHE A 192 -20.67 -6.54 -15.14
CA PHE A 192 -19.23 -6.57 -14.90
C PHE A 192 -18.55 -7.90 -15.26
N LEU A 193 -19.27 -8.83 -15.88
CA LEU A 193 -18.68 -9.94 -16.60
C LEU A 193 -18.85 -9.73 -18.10
N GLU A 194 -17.74 -9.89 -18.84
CA GLU A 194 -17.77 -9.84 -20.31
C GLU A 194 -17.68 -11.18 -21.04
N ALA A 195 -18.09 -12.22 -20.34
CA ALA A 195 -18.21 -13.53 -20.92
C ALA A 195 -19.35 -14.20 -20.15
N GLU A 196 -19.61 -15.45 -20.49
CA GLU A 196 -20.69 -16.19 -19.88
C GLU A 196 -20.19 -16.81 -18.57
N VAL A 197 -21.11 -17.09 -17.67
CA VAL A 197 -20.75 -17.45 -16.33
C VAL A 197 -19.94 -18.72 -16.22
N GLU A 198 -20.41 -19.79 -16.87
CA GLU A 198 -19.76 -21.11 -16.78
C GLU A 198 -18.40 -21.05 -17.47
N GLU A 199 -18.31 -20.22 -18.50
CA GLU A 199 -17.06 -20.00 -19.26
C GLU A 199 -16.02 -19.27 -18.40
N THR A 200 -16.45 -18.17 -17.75
CA THR A 200 -15.62 -17.41 -16.81
C THR A 200 -15.16 -18.27 -15.65
N LEU A 201 -16.06 -19.05 -15.09
CA LEU A 201 -15.71 -19.91 -13.97
C LEU A 201 -14.69 -20.98 -14.31
N GLU A 202 -14.78 -21.49 -15.56
CA GLU A 202 -13.82 -22.46 -16.03
C GLU A 202 -12.43 -21.89 -16.14
N VAL A 203 -12.30 -20.76 -16.81
CA VAL A 203 -11.01 -20.04 -16.86
C VAL A 203 -10.47 -19.74 -15.45
N TYR A 204 -11.32 -19.23 -14.57
CA TYR A 204 -10.88 -18.80 -13.27
C TYR A 204 -10.41 -19.98 -12.43
N LEU A 205 -11.19 -21.06 -12.41
CA LEU A 205 -10.83 -22.26 -11.60
C LEU A 205 -9.69 -23.02 -12.24
N LYS A 206 -9.51 -22.83 -13.53
CA LYS A 206 -8.35 -23.39 -14.18
C LYS A 206 -7.02 -22.66 -13.89
N GLN A 207 -7.00 -21.32 -14.04
CA GLN A 207 -5.84 -20.58 -13.58
C GLN A 207 -5.51 -20.93 -12.13
N CYS A 208 -6.51 -21.08 -11.28
CA CYS A 208 -6.28 -21.45 -9.87
C CYS A 208 -5.57 -22.75 -9.68
N ALA A 209 -5.87 -23.72 -10.53
CA ALA A 209 -5.27 -25.04 -10.44
C ALA A 209 -3.96 -25.14 -11.23
N MSE A 210 -3.44 -24.04 -11.79
CA MSE A 210 -2.12 -24.11 -12.38
C MSE A 210 -1.07 -24.49 -11.33
O MSE A 210 -1.12 -24.03 -10.20
CB MSE A 210 -1.71 -22.80 -13.08
CG MSE A 210 -2.36 -22.54 -14.47
SE MSE A 210 -1.78 -20.92 -15.31
CE MSE A 210 -1.77 -19.74 -13.67
N GLU A 211 -0.14 -25.34 -11.72
CA GLU A 211 0.91 -25.78 -10.82
C GLU A 211 2.19 -24.97 -10.90
N SER A 212 2.87 -24.88 -9.77
CA SER A 212 4.27 -24.45 -9.75
C SER A 212 4.96 -25.00 -8.52
N THR A 213 6.24 -24.69 -8.39
CA THR A 213 6.97 -24.88 -7.13
C THR A 213 7.47 -23.46 -6.67
N THR A 214 8.18 -23.39 -5.54
CA THR A 214 8.66 -22.11 -5.03
C THR A 214 9.49 -21.40 -6.08
N GLU A 215 10.09 -22.20 -6.94
CA GLU A 215 10.99 -21.76 -8.00
C GLU A 215 10.34 -20.90 -9.07
N ASP A 216 9.17 -21.34 -9.57
CA ASP A 216 8.47 -20.64 -10.65
C ASP A 216 7.94 -19.33 -10.14
N ILE A 217 7.49 -19.32 -8.90
CA ILE A 217 6.99 -18.07 -8.29
C ILE A 217 8.10 -17.08 -7.96
N ALA A 218 9.24 -17.60 -7.51
CA ALA A 218 10.47 -16.78 -7.39
C ALA A 218 10.85 -16.08 -8.68
N LEU A 219 10.77 -16.79 -9.83
CA LEU A 219 11.07 -16.20 -11.16
C LEU A 219 10.08 -15.11 -11.57
N ILE A 220 8.80 -15.35 -11.37
CA ILE A 220 7.80 -14.33 -11.68
C ILE A 220 8.04 -13.10 -10.79
N GLY A 221 8.33 -13.32 -9.51
CA GLY A 221 8.73 -12.27 -8.60
C GLY A 221 9.87 -11.42 -9.06
N LEU A 222 10.98 -12.04 -9.50
CA LEU A 222 12.18 -11.35 -10.09
C LEU A 222 11.87 -10.44 -11.22
N ILE A 223 11.06 -10.96 -12.14
CA ILE A 223 10.66 -10.22 -13.32
C ILE A 223 9.87 -9.02 -12.91
N LEU A 224 8.95 -9.20 -11.96
CA LEU A 224 8.18 -8.10 -11.43
C LEU A 224 9.13 -7.08 -10.74
N ALA A 225 10.08 -7.59 -9.94
CA ALA A 225 11.09 -6.76 -9.26
C ALA A 225 11.78 -5.84 -10.26
N HIS A 226 12.09 -6.41 -11.43
CA HIS A 226 12.77 -5.68 -12.51
C HIS A 226 11.85 -5.03 -13.53
N ASP A 227 10.64 -4.67 -13.07
CA ASP A 227 9.65 -3.91 -13.85
C ASP A 227 9.26 -4.59 -15.16
N GLY A 228 9.18 -5.92 -15.13
CA GLY A 228 8.75 -6.65 -16.31
C GLY A 228 9.88 -7.09 -17.23
N TYR A 229 11.10 -6.68 -16.92
CA TYR A 229 12.29 -7.14 -17.63
C TYR A 229 12.69 -8.47 -17.06
N HIS A 230 12.92 -9.44 -17.94
CA HIS A 230 13.21 -10.82 -17.58
C HIS A 230 14.71 -10.90 -17.52
N PRO A 231 15.27 -11.05 -16.30
CA PRO A 231 16.72 -10.84 -16.29
C PRO A 231 17.50 -12.03 -16.86
N ILE A 232 16.88 -13.19 -17.07
CA ILE A 232 17.62 -14.36 -17.56
C ILE A 232 17.45 -14.55 -19.08
N ARG A 233 16.22 -14.38 -19.57
CA ARG A 233 15.95 -14.19 -21.00
C ARG A 233 16.55 -12.90 -21.60
N HIS A 234 16.74 -11.86 -20.78
CA HIS A 234 17.11 -10.49 -21.22
C HIS A 234 16.14 -9.84 -22.22
N GLU A 235 14.85 -9.90 -21.91
CA GLU A 235 13.87 -9.17 -22.72
C GLU A 235 12.77 -8.63 -21.85
N GLN A 236 12.04 -7.65 -22.40
CA GLN A 236 10.93 -7.02 -21.73
C GLN A 236 9.71 -7.83 -22.01
N VAL A 237 9.29 -8.57 -20.99
CA VAL A 237 8.20 -9.54 -21.13
C VAL A 237 6.86 -9.02 -20.60
N ILE A 238 6.91 -8.13 -19.62
CA ILE A 238 5.73 -7.44 -19.16
C ILE A 238 5.98 -5.94 -19.38
N PRO A 239 5.02 -5.19 -19.95
CA PRO A 239 5.28 -3.73 -19.91
C PRO A 239 5.53 -3.20 -18.47
N LYS A 240 6.47 -2.25 -18.33
CA LYS A 240 6.84 -1.62 -17.04
C LYS A 240 5.65 -1.14 -16.17
N ASP A 241 4.70 -0.46 -16.81
CA ASP A 241 3.56 0.17 -16.14
C ASP A 241 2.53 -0.87 -15.65
N VAL A 242 2.51 -2.02 -16.31
CA VAL A 242 1.68 -3.14 -15.90
C VAL A 242 2.33 -3.80 -14.71
N ALA A 243 3.65 -3.93 -14.73
CA ALA A 243 4.39 -4.57 -13.61
C ALA A 243 4.26 -3.77 -12.31
N LYS A 244 4.34 -2.42 -12.40
CA LYS A 244 4.17 -1.47 -11.27
C LYS A 244 2.75 -1.53 -10.72
N LEU A 245 1.79 -1.50 -11.63
CA LEU A 245 0.39 -1.77 -11.30
C LEU A 245 0.24 -3.08 -10.51
N ALA A 246 0.91 -4.15 -11.00
CA ALA A 246 0.91 -5.46 -10.32
C ALA A 246 1.45 -5.40 -8.88
N LYS A 247 2.70 -4.99 -8.68
CA LYS A 247 3.35 -4.75 -7.39
C LYS A 247 2.54 -3.87 -6.38
N ALA A 248 1.87 -2.84 -6.89
CA ALA A 248 1.05 -1.95 -6.09
C ALA A 248 -0.13 -2.73 -5.49
N LEU A 249 -0.78 -3.54 -6.35
CA LEU A 249 -1.85 -4.44 -5.96
C LEU A 249 -1.36 -5.43 -4.95
N MSE A 250 -0.21 -6.02 -5.20
CA MSE A 250 0.35 -6.95 -4.21
C MSE A 250 0.57 -6.25 -2.86
O MSE A 250 0.06 -6.67 -1.82
CB MSE A 250 1.61 -7.59 -4.74
CG MSE A 250 1.32 -8.50 -5.92
SE MSE A 250 2.98 -8.94 -6.83
CE MSE A 250 3.90 -10.03 -5.40
N LEU A 251 1.28 -5.15 -2.88
CA LEU A 251 1.57 -4.41 -1.64
C LEU A 251 0.33 -4.04 -0.87
N THR A 252 -0.70 -3.67 -1.62
CA THR A 252 -1.93 -3.10 -1.10
C THR A 252 -3.04 -4.10 -0.78
N CYS A 253 -3.10 -5.23 -1.49
CA CYS A 253 -4.23 -6.16 -1.38
CA CYS A 253 -4.24 -6.16 -1.40
C CYS A 253 -3.82 -7.62 -1.62
N GLY A 254 -2.51 -7.89 -1.62
CA GLY A 254 -1.99 -9.21 -1.96
C GLY A 254 -2.14 -10.25 -0.84
N MSE A 255 -2.26 -9.75 0.38
CA MSE A 255 -2.34 -10.63 1.55
C MSE A 255 -3.69 -10.60 2.21
O MSE A 255 -3.79 -10.70 3.41
CB MSE A 255 -1.22 -10.33 2.54
CG MSE A 255 0.19 -10.35 1.97
SE MSE A 255 0.74 -12.05 1.14
CE MSE A 255 1.20 -13.04 2.67
N TYR A 256 -4.74 -10.48 1.40
CA TYR A 256 -6.12 -10.38 1.90
C TYR A 256 -6.26 -9.34 3.02
N ASN A 257 -6.74 -9.78 4.19
CA ASN A 257 -7.03 -8.84 5.28
C ASN A 257 -5.88 -8.72 6.27
N ALA A 258 -4.67 -9.09 5.82
CA ALA A 258 -3.44 -8.73 6.49
C ALA A 258 -2.48 -7.89 5.64
N SER A 259 -2.98 -7.29 4.56
CA SER A 259 -2.08 -6.56 3.65
C SER A 259 -1.36 -5.37 4.33
N GLY A 260 -2.10 -4.59 5.12
CA GLY A 260 -1.53 -3.48 5.90
C GLY A 260 -0.50 -3.95 6.89
N LYS A 261 -0.79 -5.05 7.57
CA LYS A 261 0.14 -5.66 8.54
C LYS A 261 1.42 -6.11 7.87
N TYR A 262 1.32 -6.71 6.67
CA TYR A 262 2.51 -7.07 5.88
C TYR A 262 3.26 -5.81 5.50
N ALA A 263 2.59 -4.83 4.91
CA ALA A 263 3.30 -3.63 4.47
C ALA A 263 4.04 -3.00 5.63
N ALA A 264 3.43 -2.94 6.80
CA ALA A 264 4.04 -2.29 7.96
C ALA A 264 5.11 -3.12 8.70
N PHE A 265 5.03 -4.45 8.68
CA PHE A 265 6.06 -5.28 9.37
C PHE A 265 6.99 -6.11 8.49
N VAL A 266 6.72 -6.15 7.19
CA VAL A 266 7.55 -6.84 6.21
C VAL A 266 7.99 -5.82 5.14
N GLY A 267 7.02 -5.21 4.47
CA GLY A 267 7.26 -4.08 3.60
C GLY A 267 7.80 -4.43 2.23
N VAL A 268 7.40 -5.62 1.76
CA VAL A 268 7.83 -6.23 0.49
C VAL A 268 6.55 -6.64 -0.32
N PRO A 269 6.41 -6.26 -1.63
CA PRO A 269 5.19 -6.77 -2.32
C PRO A 269 5.09 -8.31 -2.23
N ALA A 270 3.90 -8.83 -1.94
CA ALA A 270 3.73 -10.23 -1.64
C ALA A 270 2.32 -10.68 -2.09
N LYS A 271 2.19 -11.88 -2.63
CA LYS A 271 0.86 -12.39 -2.97
C LYS A 271 0.71 -13.77 -2.48
N SER A 272 -0.31 -14.03 -1.68
CA SER A 272 -0.61 -15.38 -1.22
C SER A 272 -1.69 -16.14 -1.98
N GLY A 273 -1.57 -17.46 -1.89
CA GLY A 273 -2.64 -18.39 -2.31
C GLY A 273 -3.02 -19.25 -1.11
N VAL A 274 -4.28 -19.67 -1.10
CA VAL A 274 -4.84 -20.48 -0.03
C VAL A 274 -4.21 -21.88 0.08
N SER A 275 -3.46 -22.29 -0.95
CA SER A 275 -2.77 -23.59 -0.91
C SER A 275 -1.38 -23.47 -0.25
N GLY A 276 -1.03 -22.30 0.27
CA GLY A 276 0.17 -22.14 1.08
C GLY A 276 1.33 -21.48 0.36
N GLY A 277 1.08 -20.93 -0.82
CA GLY A 277 2.15 -20.27 -1.54
C GLY A 277 2.18 -18.78 -1.24
N ILE A 278 3.40 -18.22 -1.30
CA ILE A 278 3.56 -16.77 -1.25
C ILE A 278 4.63 -16.42 -2.26
N MSE A 279 4.27 -15.55 -3.19
CA MSE A 279 5.21 -14.94 -4.10
C MSE A 279 5.54 -13.54 -3.53
O MSE A 279 4.60 -12.74 -3.21
CB MSE A 279 4.62 -14.82 -5.50
CG MSE A 279 5.42 -13.97 -6.44
SE MSE A 279 4.70 -14.11 -8.26
CE MSE A 279 2.91 -13.49 -7.94
N ALA A 280 6.83 -13.25 -3.45
CA ALA A 280 7.28 -11.97 -2.92
C ALA A 280 8.46 -11.55 -3.73
N LEU A 281 8.81 -10.26 -3.63
CA LEU A 281 9.86 -9.73 -4.48
C LEU A 281 10.45 -8.53 -3.80
N VAL A 282 11.72 -8.26 -4.11
CA VAL A 282 12.45 -7.09 -3.62
C VAL A 282 13.04 -6.39 -4.85
N PRO A 283 12.64 -5.14 -5.13
CA PRO A 283 13.19 -4.33 -6.23
C PRO A 283 14.67 -3.94 -6.00
N PRO A 284 15.43 -3.72 -7.08
CA PRO A 284 16.86 -3.39 -6.88
C PRO A 284 17.01 -2.10 -6.03
N SER A 285 17.90 -2.14 -5.02
CA SER A 285 17.93 -1.12 -3.96
C SER A 285 19.24 -0.32 -3.96
N GLN A 290 22.55 -5.76 3.65
CA GLN A 290 23.61 -5.93 2.66
C GLN A 290 23.27 -6.80 1.47
N PRO A 291 22.57 -7.96 1.65
CA PRO A 291 22.35 -8.91 0.54
C PRO A 291 21.30 -8.44 -0.48
N PHE A 292 21.22 -9.13 -1.63
CA PHE A 292 20.22 -8.84 -2.68
C PHE A 292 20.16 -7.36 -3.02
N GLN A 293 21.32 -6.84 -3.38
CA GLN A 293 21.53 -5.45 -3.78
C GLN A 293 20.84 -5.21 -5.13
N SER A 294 20.90 -6.21 -5.98
CA SER A 294 20.21 -6.20 -7.26
C SER A 294 18.71 -6.55 -7.25
N GLY A 295 18.11 -6.79 -6.08
CA GLY A 295 16.74 -7.29 -6.02
C GLY A 295 16.64 -8.82 -6.04
N CYS A 296 15.41 -9.33 -5.94
CA CYS A 296 15.17 -10.76 -5.95
C CYS A 296 13.69 -11.10 -6.04
N GLY A 297 13.42 -12.32 -6.48
CA GLY A 297 12.12 -12.94 -6.49
C GLY A 297 12.18 -13.99 -5.41
N ILE A 298 11.09 -14.16 -4.69
CA ILE A 298 11.01 -15.06 -3.55
C ILE A 298 9.78 -15.94 -3.80
N GLY A 299 9.95 -17.25 -3.59
CA GLY A 299 8.84 -18.18 -3.69
C GLY A 299 8.80 -18.88 -2.37
N ILE A 300 7.65 -18.85 -1.71
CA ILE A 300 7.51 -19.60 -0.45
C ILE A 300 6.34 -20.57 -0.50
N TYR A 301 6.50 -21.67 0.23
CA TYR A 301 5.43 -22.65 0.35
C TYR A 301 5.27 -23.18 1.76
N GLY A 302 4.09 -22.94 2.34
CA GLY A 302 3.75 -23.46 3.67
C GLY A 302 2.25 -23.61 3.75
N PRO A 303 1.74 -24.83 3.51
CA PRO A 303 0.30 -25.20 3.41
C PRO A 303 -0.56 -25.00 4.67
N ALA A 304 0.03 -24.92 5.85
CA ALA A 304 -0.75 -24.47 7.00
C ALA A 304 -1.09 -22.99 6.86
N ILE A 305 -2.39 -22.71 6.78
CA ILE A 305 -2.94 -21.39 6.50
C ILE A 305 -3.44 -20.82 7.83
N ASP A 306 -3.29 -19.50 8.02
CA ASP A 306 -3.80 -18.81 9.22
C ASP A 306 -5.23 -18.28 9.04
N GLU A 307 -5.81 -17.72 10.09
CA GLU A 307 -7.18 -17.16 10.08
C GLU A 307 -7.47 -16.22 8.89
N TYR A 308 -6.45 -15.48 8.46
CA TYR A 308 -6.50 -14.56 7.31
C TYR A 308 -6.39 -15.17 5.91
N GLY A 309 -5.97 -16.42 5.82
CA GLY A 309 -5.83 -17.11 4.54
C GLY A 309 -4.41 -17.09 4.00
N ASN A 310 -3.44 -16.73 4.83
CA ASN A 310 -2.06 -16.71 4.41
C ASN A 310 -1.28 -17.83 5.07
N SER A 311 -0.29 -18.36 4.35
CA SER A 311 0.60 -19.34 4.92
C SER A 311 1.11 -18.82 6.23
N LEU A 312 0.96 -19.63 7.28
CA LEU A 312 1.34 -19.25 8.64
C LEU A 312 2.86 -19.21 8.80
N THR A 313 3.49 -20.34 8.49
CA THR A 313 4.95 -20.53 8.57
C THR A 313 5.69 -19.79 7.44
N GLY A 314 5.14 -19.80 6.22
CA GLY A 314 5.61 -18.92 5.12
C GLY A 314 5.64 -17.42 5.48
N GLY A 315 4.56 -16.89 6.05
CA GLY A 315 4.53 -15.48 6.52
C GLY A 315 5.57 -15.16 7.61
N MSE A 316 5.69 -16.05 8.58
CA MSE A 316 6.75 -15.89 9.57
C MSE A 316 8.19 -15.84 8.99
O MSE A 316 8.98 -14.92 9.33
CB MSE A 316 6.60 -16.95 10.65
CG MSE A 316 5.25 -16.91 11.40
SE MSE A 316 5.16 -18.35 12.78
CE MSE A 316 6.25 -17.41 14.16
N LEU A 317 8.53 -16.80 8.13
CA LEU A 317 9.80 -16.81 7.42
C LEU A 317 10.00 -15.50 6.62
N LEU A 318 9.04 -15.16 5.78
CA LEU A 318 9.16 -13.92 5.04
C LEU A 318 9.37 -12.69 5.97
N LYS A 319 8.55 -12.55 7.02
CA LYS A 319 8.81 -11.49 8.00
C LYS A 319 10.22 -11.46 8.57
N HIS A 320 10.76 -12.62 8.93
CA HIS A 320 12.12 -12.76 9.51
C HIS A 320 13.23 -12.35 8.55
N MSE A 321 13.13 -12.80 7.30
CA MSE A 321 14.02 -12.37 6.23
C MSE A 321 13.95 -10.86 6.01
O MSE A 321 14.97 -10.21 5.90
CB MSE A 321 13.60 -13.01 4.93
CG MSE A 321 13.73 -14.52 4.80
SE MSE A 321 12.69 -14.97 3.15
CE MSE A 321 13.77 -13.95 1.82
N ALA A 322 12.73 -10.33 5.87
CA ALA A 322 12.54 -8.90 5.61
C ALA A 322 13.20 -8.10 6.77
N GLN A 323 13.04 -8.62 7.98
CA GLN A 323 13.45 -7.90 9.15
C GLN A 323 14.96 -8.06 9.27
N GLU A 324 15.44 -9.30 9.23
CA GLU A 324 16.88 -9.59 9.30
C GLU A 324 17.71 -8.98 8.17
N TRP A 325 17.19 -8.97 6.94
CA TRP A 325 17.94 -8.41 5.82
C TRP A 325 17.56 -7.01 5.35
N GLU A 326 16.66 -6.36 6.07
CA GLU A 326 16.29 -4.97 5.88
C GLU A 326 15.74 -4.76 4.49
N LEU A 327 14.88 -5.68 4.06
CA LEU A 327 14.31 -5.70 2.71
C LEU A 327 13.21 -4.68 2.42
N SER A 328 12.57 -4.17 3.49
CA SER A 328 11.45 -3.24 3.38
C SER A 328 11.71 -2.15 2.38
N ILE A 329 10.72 -1.92 1.51
CA ILE A 329 10.82 -0.92 0.44
C ILE A 329 10.61 0.52 0.94
N PHE A 330 10.05 0.66 2.14
CA PHE A 330 9.77 1.95 2.79
C PHE A 330 10.99 2.26 3.62
N ASN B 16 17.30 19.46 -14.53
CA ASN B 16 17.24 20.72 -13.69
C ASN B 16 15.83 20.90 -13.03
N PRO B 17 15.61 20.20 -11.88
CA PRO B 17 14.32 20.04 -11.18
C PRO B 17 13.57 21.32 -10.85
N ALA B 18 14.32 22.36 -10.53
CA ALA B 18 13.77 23.65 -10.20
C ALA B 18 12.98 24.25 -11.37
N LEU B 19 13.58 24.22 -12.57
CA LEU B 19 12.92 24.74 -13.76
C LEU B 19 11.69 23.91 -14.15
N GLN B 20 11.85 22.60 -14.03
CA GLN B 20 10.76 21.66 -14.26
C GLN B 20 9.62 21.98 -13.34
N LEU B 21 9.89 22.06 -12.04
CA LEU B 21 8.83 22.35 -11.08
C LEU B 21 8.09 23.66 -11.32
N HIS B 22 8.82 24.67 -11.82
CA HIS B 22 8.24 25.97 -12.18
C HIS B 22 7.30 25.80 -13.36
N ASP B 23 7.71 25.01 -14.35
CA ASP B 23 6.91 24.78 -15.55
C ASP B 23 5.66 23.96 -15.25
N TRP B 24 5.83 22.96 -14.39
CA TRP B 24 4.73 22.05 -14.04
C TRP B 24 3.67 22.69 -13.19
N VAL B 25 4.09 23.59 -12.30
CA VAL B 25 3.18 24.39 -11.48
C VAL B 25 2.40 25.35 -12.42
N GLU B 26 3.12 25.99 -13.35
CA GLU B 26 2.48 26.83 -14.38
C GLU B 26 1.40 26.02 -15.13
N TYR B 27 1.81 24.84 -15.58
CA TYR B 27 0.97 23.97 -16.39
C TYR B 27 -0.25 23.50 -15.61
N TYR B 28 -0.06 23.06 -14.38
CA TYR B 28 -1.17 22.41 -13.64
C TYR B 28 -2.08 23.34 -12.86
N ARG B 29 -1.59 24.51 -12.53
CA ARG B 29 -2.39 25.50 -11.80
C ARG B 29 -3.83 25.71 -12.37
N PRO B 30 -3.99 25.97 -13.69
CA PRO B 30 -5.34 26.06 -14.28
C PRO B 30 -6.35 24.93 -13.99
N PHE B 31 -5.89 23.69 -13.80
CA PHE B 31 -6.83 22.57 -13.60
C PHE B 31 -7.63 22.70 -12.29
N ALA B 32 -7.26 23.68 -11.46
CA ALA B 32 -7.96 23.92 -10.19
C ALA B 32 -9.45 24.24 -10.38
N ALA B 33 -9.82 24.61 -11.60
CA ALA B 33 -11.22 24.74 -12.04
C ALA B 33 -12.07 23.45 -12.00
N ASN B 34 -11.45 22.29 -11.94
CA ASN B 34 -12.19 21.03 -11.96
C ASN B 34 -12.66 20.55 -10.58
N GLY B 35 -12.13 21.17 -9.53
CA GLY B 35 -12.61 20.94 -8.17
C GLY B 35 -12.76 22.28 -7.48
N GLN B 36 -12.90 22.26 -6.16
CA GLN B 36 -12.92 23.50 -5.39
C GLN B 36 -12.57 23.27 -3.90
N SER B 37 -12.39 24.35 -3.14
CA SER B 37 -11.97 24.27 -1.72
C SER B 37 -13.00 23.52 -0.87
N ALA B 38 -12.60 23.12 0.34
CA ALA B 38 -13.51 22.43 1.27
C ALA B 38 -14.68 23.35 1.67
N ASN B 39 -15.85 22.76 1.89
CA ASN B 39 -17.07 23.52 2.20
C ASN B 39 -17.65 23.27 3.60
N TYR B 40 -17.48 22.04 4.08
CA TYR B 40 -18.10 21.58 5.35
C TYR B 40 -17.42 22.14 6.62
N ILE B 41 -16.24 22.72 6.42
CA ILE B 41 -15.58 23.59 7.38
C ILE B 41 -15.61 24.96 6.68
N PRO B 42 -16.48 25.91 7.13
CA PRO B 42 -16.67 27.18 6.40
C PRO B 42 -15.45 28.13 6.34
N ALA B 43 -14.64 28.16 7.41
CA ALA B 43 -13.44 29.00 7.43
C ALA B 43 -12.37 28.50 6.43
N LEU B 44 -12.66 27.35 5.84
CA LEU B 44 -11.79 26.72 4.86
C LEU B 44 -12.33 26.97 3.44
N GLY B 45 -13.63 27.25 3.33
CA GLY B 45 -14.24 27.65 2.07
C GLY B 45 -13.85 29.04 1.57
N LYS B 46 -13.11 29.78 2.40
CA LYS B 46 -12.77 31.19 2.14
C LYS B 46 -11.39 31.41 1.45
N VAL B 47 -10.68 30.31 1.17
CA VAL B 47 -9.29 30.33 0.68
C VAL B 47 -9.23 30.49 -0.85
N ASN B 48 -8.12 31.05 -1.39
CA ASN B 48 -7.90 31.18 -2.86
C ASN B 48 -7.58 29.85 -3.60
N ASP B 49 -8.45 29.53 -4.56
CA ASP B 49 -8.63 28.21 -5.13
C ASP B 49 -7.67 27.86 -6.29
N SER B 50 -7.10 28.87 -6.95
CA SER B 50 -6.08 28.72 -8.00
C SER B 50 -4.67 28.51 -7.43
N GLN B 51 -4.53 28.50 -6.11
CA GLN B 51 -3.23 28.35 -5.48
C GLN B 51 -2.65 26.96 -5.70
N LEU B 52 -1.35 26.94 -5.99
CA LEU B 52 -0.58 25.73 -6.11
C LEU B 52 0.88 25.99 -5.73
N GLY B 53 1.43 25.20 -4.80
CA GLY B 53 2.81 25.37 -4.39
C GLY B 53 3.45 24.08 -4.00
N ILE B 54 4.76 24.05 -3.99
CA ILE B 54 5.52 22.81 -3.74
C ILE B 54 6.86 23.17 -3.15
N CYS B 55 7.34 22.33 -2.25
CA CYS B 55 8.70 22.38 -1.78
C CYS B 55 9.26 20.94 -1.72
N VAL B 56 10.52 20.79 -2.14
CA VAL B 56 11.26 19.56 -1.96
C VAL B 56 12.53 19.87 -1.15
N LEU B 57 12.79 19.04 -0.16
CA LEU B 57 13.90 19.18 0.73
C LEU B 57 14.80 17.96 0.58
N GLU B 58 16.10 18.19 0.38
CA GLU B 58 17.07 17.13 0.37
C GLU B 58 17.81 17.06 1.70
N PRO B 59 18.39 15.91 2.06
CA PRO B 59 19.08 15.76 3.33
C PRO B 59 20.36 16.59 3.55
N ASP B 60 20.97 17.11 2.48
CA ASP B 60 22.02 18.14 2.68
C ASP B 60 21.43 19.55 2.86
N GLY B 61 20.11 19.65 2.92
CA GLY B 61 19.45 20.92 3.24
C GLY B 61 19.11 21.79 2.05
N THR B 62 19.40 21.29 0.86
CA THR B 62 19.03 21.95 -0.37
C THR B 62 17.51 21.87 -0.47
N MSE B 63 16.86 22.98 -0.78
CA MSE B 63 15.43 22.94 -1.04
C MSE B 63 15.09 23.69 -2.29
O MSE B 63 15.78 24.63 -2.66
CB MSE B 63 14.60 23.45 0.14
CG MSE B 63 14.32 24.91 0.13
SE MSE B 63 13.38 25.41 1.79
CE MSE B 63 12.23 26.72 0.94
N ILE B 64 14.05 23.23 -2.95
CA ILE B 64 13.57 23.83 -4.16
C ILE B 64 12.10 24.09 -3.96
N HIS B 65 11.65 25.31 -4.25
CA HIS B 65 10.22 25.62 -4.17
C HIS B 65 9.74 26.34 -5.41
N ALA B 66 8.44 26.25 -5.68
CA ALA B 66 7.83 26.88 -6.80
C ALA B 66 6.40 27.12 -6.41
N GLY B 67 5.78 28.16 -6.98
CA GLY B 67 4.40 28.53 -6.70
C GLY B 67 4.20 29.08 -5.28
N ASP B 68 3.01 28.80 -4.75
CA ASP B 68 2.55 29.27 -3.45
C ASP B 68 3.07 28.39 -2.30
N TRP B 69 4.40 28.28 -2.27
CA TRP B 69 5.13 27.35 -1.45
C TRP B 69 5.16 27.80 0.02
N ASN B 70 4.84 29.08 0.25
CA ASN B 70 4.99 29.76 1.54
C ASN B 70 3.70 30.36 2.09
N VAL B 71 2.58 29.84 1.63
CA VAL B 71 1.29 30.24 2.16
C VAL B 71 0.99 29.25 3.29
N SER B 72 0.63 29.76 4.46
CA SER B 72 0.16 28.89 5.55
C SER B 72 -1.18 28.27 5.26
N PHE B 73 -1.38 27.04 5.72
CA PHE B 73 -2.69 26.41 5.62
C PHE B 73 -2.74 25.48 6.79
N THR B 74 -3.93 24.97 7.08
CA THR B 74 -4.07 24.07 8.21
C THR B 74 -3.70 22.67 7.71
N MSE B 75 -3.16 21.86 8.63
CA MSE B 75 -2.66 20.55 8.30
C MSE B 75 -3.78 19.59 8.01
O MSE B 75 -3.68 18.80 7.08
CB MSE B 75 -1.73 20.05 9.37
CG MSE B 75 -0.29 20.30 8.96
SE MSE B 75 0.77 19.86 10.45
CE MSE B 75 1.09 18.05 9.90
N GLN B 76 -4.88 19.73 8.74
CA GLN B 76 -6.02 18.85 8.62
C GLN B 76 -5.49 17.42 8.79
N SER B 77 -5.94 16.52 7.93
CA SER B 77 -5.58 15.10 8.00
C SER B 77 -4.10 14.77 7.96
N ILE B 78 -3.28 15.60 7.33
CA ILE B 78 -1.83 15.47 7.57
C ILE B 78 -1.45 15.29 9.07
N SER B 79 -2.21 15.88 9.99
CA SER B 79 -1.84 15.91 11.41
C SER B 79 -1.99 14.52 12.00
N LYS B 80 -2.90 13.73 11.42
CA LYS B 80 -3.07 12.31 11.71
C LYS B 80 -1.79 11.48 11.77
N VAL B 81 -0.81 11.70 10.87
CA VAL B 81 0.41 10.91 10.95
C VAL B 81 1.30 11.34 12.11
N ILE B 82 1.28 12.64 12.43
CA ILE B 82 1.95 13.19 13.62
C ILE B 82 1.41 12.63 14.91
N SER B 83 0.09 12.67 15.09
CA SER B 83 -0.48 12.17 16.33
C SER B 83 -0.32 10.66 16.45
N PHE B 84 -0.41 9.96 15.33
CA PHE B 84 -0.15 8.55 15.32
C PHE B 84 1.25 8.22 15.85
N ILE B 85 2.25 8.89 15.29
CA ILE B 85 3.66 8.82 15.66
C ILE B 85 3.87 9.22 17.12
N ALA B 86 3.32 10.38 17.50
CA ALA B 86 3.28 10.80 18.91
C ALA B 86 2.69 9.75 19.83
N ALA B 87 1.59 9.11 19.43
CA ALA B 87 0.98 8.03 20.28
C ALA B 87 1.85 6.79 20.41
N CYS B 88 2.45 6.37 19.31
CA CYS B 88 3.48 5.31 19.31
C CYS B 88 4.71 5.61 20.14
N MSE B 89 5.24 6.81 20.06
CA MSE B 89 6.38 7.19 20.89
C MSE B 89 6.03 7.15 22.41
O MSE B 89 6.80 6.66 23.24
CB MSE B 89 6.93 8.56 20.47
CG MSE B 89 7.58 8.58 19.04
SE MSE B 89 8.06 10.24 18.54
CE MSE B 89 6.55 11.09 18.54
N SER B 90 4.85 7.68 22.75
CA SER B 90 4.32 7.65 24.09
C SER B 90 3.97 6.23 24.56
N ARG B 91 3.01 5.57 23.93
CA ARG B 91 2.51 4.32 24.51
C ARG B 91 3.21 3.03 23.98
N GLY B 92 4.00 3.18 22.93
CA GLY B 92 4.63 2.06 22.26
C GLY B 92 3.67 1.48 21.22
N ILE B 93 4.23 0.84 20.21
CA ILE B 93 3.49 0.26 19.08
C ILE B 93 2.42 -0.76 19.53
N PRO B 94 2.75 -1.73 20.41
CA PRO B 94 1.70 -2.72 20.77
C PRO B 94 0.43 -2.09 21.34
N TYR B 95 0.61 -1.21 22.32
CA TYR B 95 -0.49 -0.45 22.89
C TYR B 95 -1.37 0.19 21.75
N VAL B 96 -0.71 0.87 20.82
CA VAL B 96 -1.41 1.59 19.76
C VAL B 96 -2.16 0.64 18.82
N LEU B 97 -1.51 -0.45 18.37
CA LEU B 97 -2.11 -1.42 17.42
C LEU B 97 -3.20 -2.32 18.01
N ASP B 98 -3.35 -2.30 19.33
CA ASP B 98 -4.51 -2.94 19.95
C ASP B 98 -5.80 -2.12 19.92
N ARG B 99 -5.70 -0.87 19.49
CA ARG B 99 -6.80 0.05 19.66
C ARG B 99 -7.12 0.67 18.33
N VAL B 100 -6.20 0.48 17.41
CA VAL B 100 -6.29 1.04 16.07
C VAL B 100 -5.76 -0.04 15.09
N ASP B 101 -6.38 -0.16 13.92
CA ASP B 101 -5.94 -1.12 12.89
C ASP B 101 -5.03 -0.49 11.84
N VAL B 102 -4.30 -1.32 11.13
CA VAL B 102 -3.28 -0.91 10.17
C VAL B 102 -3.79 -1.34 8.77
N GLU B 103 -4.98 -1.96 8.76
CA GLU B 103 -5.67 -2.40 7.51
C GLU B 103 -6.47 -1.28 6.83
N PRO B 104 -6.32 -1.10 5.51
CA PRO B 104 -7.17 -0.17 4.69
C PRO B 104 -8.67 -0.50 4.76
N PRO B 123 -12.39 -1.50 16.15
CA PRO B 123 -11.02 -0.98 15.88
C PRO B 123 -11.03 -0.30 14.53
N PHE B 124 -10.63 0.98 14.46
CA PHE B 124 -10.58 1.69 13.17
C PHE B 124 -9.18 2.18 12.77
N ASN B 125 -8.92 2.31 11.46
CA ASN B 125 -7.63 2.82 10.85
C ASN B 125 -7.26 4.25 11.29
N PRO B 126 -5.98 4.52 11.65
CA PRO B 126 -5.58 5.84 12.20
C PRO B 126 -5.55 6.98 11.20
N MSE B 127 -5.68 6.66 9.90
CA MSE B 127 -5.71 7.66 8.87
C MSE B 127 -7.11 8.11 8.64
O MSE B 127 -7.34 9.15 8.04
CB MSE B 127 -5.05 7.18 7.58
CG MSE B 127 -3.57 6.77 7.68
SE MSE B 127 -2.44 8.21 8.28
CE MSE B 127 -2.24 7.78 10.14
N ILE B 128 -8.05 7.36 9.18
CA ILE B 128 -9.47 7.63 9.09
C ILE B 128 -9.90 8.40 10.36
N ASN B 129 -10.86 9.33 10.24
CA ASN B 129 -11.34 10.05 11.44
C ASN B 129 -11.58 9.17 12.66
N ALA B 130 -12.17 7.99 12.47
CA ALA B 130 -12.50 7.20 13.62
C ALA B 130 -11.26 6.74 14.32
N GLY B 131 -10.25 6.28 13.57
CA GLY B 131 -8.98 5.86 14.16
C GLY B 131 -8.19 7.03 14.73
N ALA B 132 -8.25 8.16 14.05
CA ALA B 132 -7.58 9.36 14.48
C ALA B 132 -8.14 9.91 15.80
N LEU B 133 -9.45 9.77 16.01
CA LEU B 133 -10.12 10.15 17.25
C LEU B 133 -9.62 9.25 18.40
N THR B 134 -9.57 7.94 18.17
CA THR B 134 -8.97 7.01 19.12
C THR B 134 -7.54 7.40 19.47
N ILE B 135 -6.72 7.68 18.47
CA ILE B 135 -5.32 8.13 18.65
C ILE B 135 -5.23 9.41 19.51
N ALA B 136 -6.08 10.40 19.22
CA ALA B 136 -6.17 11.62 20.06
C ALA B 136 -6.45 11.28 21.54
N SER B 137 -7.29 10.30 21.79
CA SER B 137 -7.71 9.99 23.14
C SER B 137 -6.67 9.20 23.93
N ILE B 138 -5.60 8.74 23.29
CA ILE B 138 -4.58 7.95 24.02
C ILE B 138 -3.24 8.71 24.16
N LEU B 139 -3.14 9.87 23.56
CA LEU B 139 -2.05 10.76 23.77
C LEU B 139 -1.94 11.01 25.29
N PRO B 140 -0.70 10.98 25.84
CA PRO B 140 -0.57 11.01 27.29
C PRO B 140 -1.10 12.31 27.89
N GLY B 141 -1.71 12.28 29.05
CA GLY B 141 -2.12 13.52 29.70
C GLY B 141 -3.55 13.44 30.18
N GLU B 142 -3.90 14.21 31.22
CA GLU B 142 -5.24 14.13 31.86
C GLU B 142 -6.24 15.20 31.39
N SER B 143 -5.81 16.01 30.44
CA SER B 143 -6.67 16.96 29.81
C SER B 143 -6.29 17.07 28.32
N ALA B 144 -7.08 17.86 27.60
CA ALA B 144 -6.84 18.22 26.24
C ALA B 144 -5.55 19.03 26.17
N TYR B 145 -5.38 20.00 27.07
CA TYR B 145 -4.19 20.86 27.05
C TYR B 145 -2.85 20.11 27.09
N GLU B 146 -2.83 19.05 27.86
CA GLU B 146 -1.65 18.26 28.17
C GLU B 146 -1.42 17.17 27.11
N LYS B 147 -2.52 16.64 26.58
CA LYS B 147 -2.45 15.79 25.39
C LYS B 147 -1.83 16.63 24.27
N LEU B 148 -2.30 17.88 24.11
CA LEU B 148 -1.79 18.74 23.04
C LEU B 148 -0.39 19.29 23.26
N GLU B 149 0.03 19.55 24.52
CA GLU B 149 1.41 19.95 24.79
C GLU B 149 2.39 18.88 24.34
N PHE B 150 2.07 17.61 24.59
CA PHE B 150 2.91 16.52 24.07
C PHE B 150 2.95 16.52 22.55
N LEU B 151 1.78 16.65 21.94
CA LEU B 151 1.72 16.68 20.48
C LEU B 151 2.57 17.80 19.97
N TYR B 152 2.38 19.01 20.55
CA TYR B 152 3.09 20.20 20.09
C TYR B 152 4.58 20.06 20.27
N SER B 153 4.98 19.41 21.36
CA SER B 153 6.36 19.28 21.67
C SER B 153 7.07 18.23 20.76
N VAL B 154 6.36 17.12 20.41
CA VAL B 154 6.80 16.26 19.32
C VAL B 154 6.91 17.04 17.99
N MSE B 155 5.98 17.92 17.74
CA MSE B 155 6.03 18.62 16.48
C MSE B 155 7.24 19.62 16.38
O MSE B 155 7.88 19.80 15.31
CB MSE B 155 4.65 19.24 16.23
CG MSE B 155 4.48 19.94 14.90
SE MSE B 155 4.23 18.76 13.55
CE MSE B 155 2.62 18.32 13.97
N GLU B 156 7.59 20.21 17.51
CA GLU B 156 8.76 21.10 17.61
C GLU B 156 10.11 20.43 17.32
N THR B 157 10.25 19.24 17.85
CA THR B 157 11.29 18.27 17.55
C THR B 157 11.55 18.02 16.03
N LEU B 158 10.50 18.10 15.23
CA LEU B 158 10.55 17.79 13.81
C LEU B 158 10.79 19.02 13.00
N ILE B 159 10.04 20.08 13.27
CA ILE B 159 10.12 21.26 12.41
C ILE B 159 10.92 22.42 13.04
N GLY B 160 11.29 22.28 14.31
CA GLY B 160 12.16 23.29 14.92
C GLY B 160 11.48 24.48 15.55
N LYS B 161 10.16 24.54 15.47
CA LYS B 161 9.37 25.54 16.18
C LYS B 161 8.04 24.95 16.60
N ARG B 162 7.45 25.56 17.60
CA ARG B 162 6.04 25.34 17.90
C ARG B 162 5.11 25.92 16.85
N PRO B 163 4.05 25.18 16.57
CA PRO B 163 3.26 25.60 15.42
C PRO B 163 2.09 26.45 15.91
N ARG B 164 1.64 27.33 15.01
CA ARG B 164 0.53 28.19 15.25
C ARG B 164 -0.74 27.39 15.01
N ILE B 165 -1.72 27.65 15.88
CA ILE B 165 -3.05 27.05 15.79
C ILE B 165 -3.94 28.10 15.18
N HIS B 166 -4.65 27.72 14.14
CA HIS B 166 -5.55 28.63 13.50
C HIS B 166 -6.87 28.59 14.30
N GLU B 167 -7.03 29.48 15.30
CA GLU B 167 -8.22 29.43 16.17
C GLU B 167 -9.51 29.65 15.40
N GLU B 168 -9.45 30.48 14.36
CA GLU B 168 -10.64 30.74 13.56
C GLU B 168 -11.16 29.45 12.92
N VAL B 169 -10.29 28.75 12.19
CA VAL B 169 -10.58 27.40 11.69
C VAL B 169 -11.02 26.40 12.80
N PHE B 170 -10.34 26.40 13.94
CA PHE B 170 -10.69 25.52 15.02
C PHE B 170 -12.12 25.77 15.53
N ARG B 171 -12.43 27.06 15.77
CA ARG B 171 -13.72 27.52 16.24
C ARG B 171 -14.87 27.09 15.34
N SER B 172 -14.67 27.22 14.03
CA SER B 172 -15.73 26.90 13.10
C SER B 172 -15.95 25.40 12.98
N GLU B 173 -14.86 24.61 12.97
CA GLU B 173 -14.98 23.15 13.09
C GLU B 173 -15.67 22.68 14.37
N TRP B 174 -15.34 23.27 15.50
CA TRP B 174 -15.96 22.95 16.80
C TRP B 174 -17.48 23.21 16.91
N GLU B 175 -17.95 24.30 16.28
CA GLU B 175 -19.38 24.52 16.19
C GLU B 175 -20.06 23.37 15.43
N THR B 176 -19.46 23.00 14.30
CA THR B 176 -20.13 22.20 13.28
C THR B 176 -19.76 20.69 13.25
N ALA B 177 -19.11 20.19 14.31
CA ALA B 177 -18.50 18.84 14.29
C ALA B 177 -19.44 17.67 14.63
N HIS B 178 -20.58 17.63 13.95
CA HIS B 178 -21.61 16.63 14.21
C HIS B 178 -21.14 15.23 13.93
N ARG B 179 -20.51 15.04 12.78
CA ARG B 179 -20.13 13.72 12.37
C ARG B 179 -19.07 13.17 13.29
N ASN B 180 -18.10 14.03 13.64
CA ASN B 180 -17.03 13.62 14.54
C ASN B 180 -17.48 13.30 15.98
N ARG B 181 -18.39 14.13 16.54
CA ARG B 181 -19.04 13.80 17.81
C ARG B 181 -19.86 12.49 17.76
N ALA B 182 -20.51 12.25 16.63
CA ALA B 182 -21.20 10.99 16.43
C ALA B 182 -20.19 9.83 16.53
N LEU B 183 -19.16 9.85 15.68
CA LEU B 183 -18.08 8.85 15.73
C LEU B 183 -17.52 8.73 17.15
N ALA B 184 -17.16 9.88 17.75
CA ALA B 184 -16.56 9.88 19.09
C ALA B 184 -17.46 9.24 20.15
N TYR B 185 -18.76 9.58 20.20
CA TYR B 185 -19.68 8.83 21.04
C TYR B 185 -19.78 7.36 20.71
N TYR B 186 -19.73 7.06 19.42
CA TYR B 186 -19.67 5.70 18.95
C TYR B 186 -18.46 4.93 19.50
N LEU B 187 -17.28 5.52 19.37
CA LEU B 187 -16.04 4.91 19.85
C LEU B 187 -16.08 4.75 21.37
N LYS B 188 -16.70 5.69 22.05
CA LYS B 188 -16.79 5.68 23.50
C LYS B 188 -17.72 4.55 23.98
N GLU B 189 -18.86 4.43 23.33
CA GLU B 189 -19.78 3.32 23.61
C GLU B 189 -19.06 1.98 23.51
N THR B 190 -18.14 1.87 22.54
CA THR B 190 -17.55 0.59 22.20
C THR B 190 -16.18 0.43 22.84
N ASN B 191 -15.83 1.37 23.73
CA ASN B 191 -14.68 1.20 24.62
C ASN B 191 -13.36 1.42 23.90
N PHE B 192 -13.40 2.19 22.82
CA PHE B 192 -12.21 2.40 21.99
C PHE B 192 -11.57 3.76 22.28
N LEU B 193 -12.27 4.59 23.03
CA LEU B 193 -11.70 5.84 23.53
C LEU B 193 -11.02 5.63 24.89
N GLU B 194 -10.06 6.48 25.20
CA GLU B 194 -9.48 6.53 26.54
C GLU B 194 -9.46 7.97 27.07
N ALA B 195 -10.37 8.79 26.57
CA ALA B 195 -10.54 10.13 27.08
C ALA B 195 -12.02 10.40 27.01
N GLU B 196 -12.43 11.57 27.47
CA GLU B 196 -13.86 11.93 27.35
C GLU B 196 -14.09 12.49 25.96
N VAL B 197 -15.33 12.56 25.53
CA VAL B 197 -15.63 12.93 24.18
C VAL B 197 -15.20 14.34 23.83
N GLU B 198 -15.62 15.33 24.62
CA GLU B 198 -15.34 16.72 24.31
C GLU B 198 -13.81 16.97 24.35
N GLU B 199 -13.15 16.40 25.35
CA GLU B 199 -11.70 16.38 25.43
C GLU B 199 -10.99 15.87 24.15
N THR B 200 -11.36 14.66 23.70
CA THR B 200 -10.81 13.98 22.51
C THR B 200 -11.04 14.83 21.26
N LEU B 201 -12.25 15.36 21.13
CA LEU B 201 -12.60 16.22 20.00
C LEU B 201 -11.83 17.54 20.02
N GLU B 202 -11.60 18.11 21.22
CA GLU B 202 -10.72 19.26 21.34
C GLU B 202 -9.34 18.98 20.79
N VAL B 203 -8.70 17.91 21.23
CA VAL B 203 -7.36 17.53 20.78
C VAL B 203 -7.36 17.27 19.24
N TYR B 204 -8.38 16.59 18.76
CA TYR B 204 -8.44 16.20 17.36
C TYR B 204 -8.66 17.42 16.48
N LEU B 205 -9.56 18.32 16.85
CA LEU B 205 -9.82 19.50 16.03
C LEU B 205 -8.72 20.55 16.04
N LYS B 206 -7.99 20.66 17.15
CA LYS B 206 -6.80 21.49 17.25
C LYS B 206 -5.60 20.96 16.45
N GLN B 207 -5.33 19.64 16.51
CA GLN B 207 -4.24 19.10 15.69
C GLN B 207 -4.52 19.38 14.24
N CYS B 208 -5.79 19.29 13.82
CA CYS B 208 -6.18 19.54 12.44
C CYS B 208 -5.97 20.99 12.07
N ALA B 209 -6.07 21.86 13.08
CA ALA B 209 -5.88 23.30 12.86
C ALA B 209 -4.44 23.78 13.09
N MSE B 210 -3.49 22.89 13.37
CA MSE B 210 -2.05 23.29 13.32
C MSE B 210 -1.75 23.69 11.90
O MSE B 210 -2.20 23.04 10.93
CB MSE B 210 -1.06 22.19 13.78
CG MSE B 210 -1.38 21.53 15.15
SE MSE B 210 0.06 20.35 15.57
CE MSE B 210 -0.30 18.93 14.21
N GLU B 211 -1.04 24.81 11.78
CA GLU B 211 -0.81 25.49 10.52
C GLU B 211 0.54 25.03 9.98
N SER B 212 0.66 25.06 8.65
CA SER B 212 1.90 24.65 8.06
C SER B 212 2.18 25.38 6.75
N THR B 213 3.42 25.32 6.29
CA THR B 213 3.79 25.70 4.92
C THR B 213 4.20 24.40 4.18
N THR B 214 4.29 24.41 2.85
CA THR B 214 4.92 23.27 2.11
C THR B 214 6.29 22.92 2.66
N GLU B 215 7.01 23.92 3.13
CA GLU B 215 8.29 23.72 3.79
C GLU B 215 8.26 22.82 5.04
N ASP B 216 7.38 23.09 6.00
CA ASP B 216 7.31 22.29 7.23
C ASP B 216 6.91 20.83 6.96
N ILE B 217 6.02 20.65 5.97
CA ILE B 217 5.59 19.30 5.66
C ILE B 217 6.67 18.60 4.79
N ALA B 218 7.40 19.34 3.98
CA ALA B 218 8.49 18.67 3.30
C ALA B 218 9.59 18.17 4.27
N LEU B 219 9.77 18.89 5.40
CA LEU B 219 10.77 18.49 6.41
C LEU B 219 10.28 17.26 7.17
N ILE B 220 9.02 17.27 7.59
CA ILE B 220 8.48 16.03 8.20
C ILE B 220 8.56 14.82 7.25
N GLY B 221 8.24 15.03 5.98
CA GLY B 221 8.48 14.04 4.95
C GLY B 221 9.92 13.64 4.78
N LEU B 222 10.88 14.56 4.77
CA LEU B 222 12.32 14.15 4.70
C LEU B 222 12.75 13.31 5.86
N ILE B 223 12.32 13.70 7.03
CA ILE B 223 12.61 12.92 8.25
C ILE B 223 12.04 11.52 8.16
N LEU B 224 10.76 11.37 7.78
CA LEU B 224 10.20 10.02 7.59
C LEU B 224 11.02 9.20 6.57
N ALA B 225 11.39 9.81 5.43
CA ALA B 225 12.20 9.12 4.39
C ALA B 225 13.50 8.49 4.97
N HIS B 226 14.06 9.16 5.98
CA HIS B 226 15.28 8.74 6.64
C HIS B 226 15.04 7.97 7.92
N ASP B 227 13.87 7.35 8.03
CA ASP B 227 13.54 6.45 9.16
C ASP B 227 13.51 7.05 10.58
N GLY B 228 13.12 8.32 10.66
CA GLY B 228 13.03 8.98 11.95
C GLY B 228 14.31 9.76 12.24
N TYR B 229 15.21 9.78 11.27
CA TYR B 229 16.49 10.47 11.39
C TYR B 229 16.38 11.87 10.80
N HIS B 230 16.66 12.88 11.63
CA HIS B 230 16.59 14.28 11.22
C HIS B 230 17.92 14.63 10.55
N PRO B 231 17.91 14.76 9.22
CA PRO B 231 19.18 14.84 8.50
C PRO B 231 19.87 16.20 8.60
N ILE B 232 19.16 17.18 9.15
CA ILE B 232 19.72 18.53 9.36
C ILE B 232 20.23 18.68 10.79
N ARG B 233 19.45 18.18 11.76
CA ARG B 233 19.77 18.26 13.17
C ARG B 233 20.75 17.18 13.56
N HIS B 234 20.90 16.19 12.69
CA HIS B 234 21.76 15.00 12.91
C HIS B 234 21.46 14.21 14.17
N GLU B 235 20.20 13.87 14.38
CA GLU B 235 19.82 12.98 15.47
C GLU B 235 18.59 12.17 15.11
N GLN B 236 18.34 11.14 15.88
CA GLN B 236 17.20 10.27 15.67
C GLN B 236 15.98 10.82 16.40
N VAL B 237 15.01 11.40 15.68
CA VAL B 237 13.81 12.07 16.29
C VAL B 237 12.51 11.23 16.41
N ILE B 238 12.35 10.23 15.55
CA ILE B 238 11.23 9.28 15.62
C ILE B 238 11.94 7.92 15.64
N PRO B 239 11.48 6.97 16.46
CA PRO B 239 12.11 5.64 16.29
C PRO B 239 11.86 5.10 14.89
N LYS B 240 12.82 4.32 14.38
CA LYS B 240 12.81 3.79 13.02
C LYS B 240 11.59 2.92 12.80
N ASP B 241 11.23 2.11 13.78
CA ASP B 241 10.08 1.28 13.53
C ASP B 241 8.74 2.04 13.46
N VAL B 242 8.62 3.12 14.24
CA VAL B 242 7.46 3.99 14.21
C VAL B 242 7.38 4.69 12.83
N ALA B 243 8.51 5.19 12.36
CA ALA B 243 8.60 5.87 11.08
C ALA B 243 8.24 4.92 9.93
N LYS B 244 8.64 3.64 10.02
CA LYS B 244 8.22 2.56 9.08
C LYS B 244 6.71 2.27 9.07
N LEU B 245 6.11 2.20 10.25
CA LEU B 245 4.67 2.07 10.38
C LEU B 245 3.92 3.29 9.75
N ALA B 246 4.40 4.50 10.08
CA ALA B 246 3.93 5.78 9.46
C ALA B 246 3.99 5.72 7.91
N LYS B 247 5.14 5.38 7.33
CA LYS B 247 5.25 5.26 5.86
C LYS B 247 4.29 4.25 5.18
N ALA B 248 4.16 3.10 5.81
CA ALA B 248 3.28 2.05 5.34
C ALA B 248 1.81 2.51 5.32
N LEU B 249 1.33 3.08 6.45
CA LEU B 249 -0.01 3.72 6.51
C LEU B 249 -0.27 4.83 5.47
N MSE B 250 0.74 5.66 5.24
CA MSE B 250 0.66 6.62 4.14
C MSE B 250 0.46 5.94 2.78
O MSE B 250 -0.53 6.23 2.09
CB MSE B 250 1.89 7.52 4.14
CG MSE B 250 1.93 8.52 5.35
SE MSE B 250 3.46 9.49 5.42
CE MSE B 250 4.25 8.60 6.58
N LEU B 251 1.35 5.02 2.41
CA LEU B 251 1.25 4.33 1.07
C LEU B 251 -0.07 3.60 0.93
N THR B 252 -0.54 3.12 2.05
CA THR B 252 -1.64 2.23 2.14
C THR B 252 -3.04 2.90 2.34
N CYS B 253 -3.07 4.03 3.06
CA CYS B 253 -4.35 4.70 3.44
CA CYS B 253 -4.31 4.69 3.54
C CYS B 253 -4.21 6.23 3.54
N GLY B 254 -3.13 6.77 2.99
CA GLY B 254 -2.88 8.20 3.06
C GLY B 254 -3.66 9.16 2.17
N MSE B 255 -4.28 8.64 1.09
CA MSE B 255 -4.94 9.46 0.08
C MSE B 255 -6.42 9.16 0.03
O MSE B 255 -7.04 9.20 -1.04
CB MSE B 255 -4.25 9.26 -1.28
CG MSE B 255 -2.74 9.55 -1.26
SE MSE B 255 -2.37 11.44 -0.77
CE MSE B 255 -2.89 12.33 -2.34
N TYR B 256 -6.99 8.86 1.20
CA TYR B 256 -8.37 8.47 1.35
C TYR B 256 -8.64 7.26 0.45
N ASN B 257 -9.65 7.41 -0.40
CA ASN B 257 -10.14 6.37 -1.32
C ASN B 257 -9.44 6.36 -2.69
N ALA B 258 -8.31 7.03 -2.79
CA ALA B 258 -7.52 7.02 -4.00
C ALA B 258 -6.16 6.42 -3.68
N SER B 259 -6.00 5.80 -2.51
CA SER B 259 -4.69 5.31 -2.11
C SER B 259 -4.09 4.26 -3.06
N GLY B 260 -4.88 3.25 -3.46
CA GLY B 260 -4.43 2.29 -4.43
C GLY B 260 -4.05 2.93 -5.74
N LYS B 261 -4.80 3.96 -6.13
CA LYS B 261 -4.48 4.68 -7.38
C LYS B 261 -3.16 5.39 -7.33
N TYR B 262 -2.98 6.22 -6.29
CA TYR B 262 -1.68 6.81 -6.03
C TYR B 262 -0.57 5.76 -5.92
N ALA B 263 -0.78 4.66 -5.18
CA ALA B 263 0.27 3.63 -5.11
C ALA B 263 0.64 3.10 -6.50
N ALA B 264 -0.37 2.82 -7.32
CA ALA B 264 -0.20 2.33 -8.70
C ALA B 264 0.39 3.30 -9.71
N PHE B 265 0.03 4.59 -9.64
CA PHE B 265 0.52 5.54 -10.65
C PHE B 265 1.48 6.59 -10.14
N VAL B 266 1.70 6.67 -8.85
CA VAL B 266 2.65 7.62 -8.28
C VAL B 266 3.74 6.84 -7.53
N GLY B 267 3.38 6.06 -6.50
CA GLY B 267 4.32 5.09 -5.96
C GLY B 267 5.16 5.63 -4.81
N VAL B 268 4.73 6.76 -4.30
CA VAL B 268 5.43 7.50 -3.25
C VAL B 268 4.49 7.52 -2.03
N PRO B 269 4.98 7.21 -0.81
CA PRO B 269 4.07 7.36 0.34
C PRO B 269 3.72 8.85 0.56
N ALA B 270 2.42 9.15 0.71
CA ALA B 270 1.85 10.48 0.60
C ALA B 270 0.65 10.53 1.54
N LYS B 271 0.35 11.72 2.05
CA LYS B 271 -0.72 11.93 3.00
C LYS B 271 -1.35 13.24 2.65
N SER B 272 -2.66 13.22 2.41
CA SER B 272 -3.39 14.43 2.07
C SER B 272 -4.22 15.02 3.24
N GLY B 273 -4.68 16.25 3.05
CA GLY B 273 -5.47 17.03 4.03
C GLY B 273 -6.43 17.82 3.18
N VAL B 274 -7.69 17.99 3.64
CA VAL B 274 -8.74 18.58 2.81
C VAL B 274 -8.56 20.10 2.53
N SER B 275 -7.56 20.67 3.20
CA SER B 275 -7.18 22.06 3.01
C SER B 275 -6.26 22.18 1.82
N GLY B 276 -5.95 21.05 1.19
CA GLY B 276 -5.18 21.01 -0.08
C GLY B 276 -3.69 20.72 0.04
N GLY B 277 -3.24 20.40 1.24
CA GLY B 277 -1.88 19.94 1.43
C GLY B 277 -1.65 18.45 1.12
N ILE B 278 -0.48 18.17 0.55
CA ILE B 278 -0.01 16.79 0.43
C ILE B 278 1.41 16.76 0.95
N MSE B 279 1.66 15.88 1.90
CA MSE B 279 3.00 15.56 2.37
C MSE B 279 3.41 14.21 1.72
O MSE B 279 2.72 13.21 1.87
CB MSE B 279 2.98 15.37 3.85
CG MSE B 279 4.33 14.73 4.41
SE MSE B 279 4.45 15.07 6.26
CE MSE B 279 3.30 13.68 6.81
N ALA B 280 4.54 14.19 1.01
CA ALA B 280 5.02 12.98 0.36
C ALA B 280 6.50 12.92 0.59
N LEU B 281 7.10 11.80 0.20
CA LEU B 281 8.49 11.51 0.53
C LEU B 281 9.00 10.36 -0.32
N VAL B 282 10.29 10.40 -0.58
CA VAL B 282 10.99 9.34 -1.29
C VAL B 282 12.23 8.93 -0.43
N PRO B 283 12.34 7.62 -0.10
CA PRO B 283 13.46 7.01 0.61
C PRO B 283 14.75 7.04 -0.22
N PRO B 284 15.93 7.10 0.42
CA PRO B 284 17.25 7.10 -0.26
C PRO B 284 17.55 5.95 -1.26
N GLN B 290 18.56 9.01 -11.57
CA GLN B 290 17.54 10.05 -11.37
C GLN B 290 18.13 11.24 -10.57
N PRO B 291 17.29 12.30 -10.32
CA PRO B 291 17.45 13.31 -9.25
C PRO B 291 17.03 12.80 -7.88
N PHE B 292 17.38 13.54 -6.82
CA PHE B 292 17.07 13.17 -5.41
C PHE B 292 17.49 11.75 -5.01
N GLN B 293 18.78 11.47 -5.21
CA GLN B 293 19.37 10.13 -5.03
C GLN B 293 19.38 9.73 -3.55
N SER B 294 19.73 10.70 -2.70
CA SER B 294 19.71 10.57 -1.25
C SER B 294 18.30 10.67 -0.63
N GLY B 295 17.27 10.69 -1.48
CA GLY B 295 15.92 10.83 -0.98
C GLY B 295 15.47 12.26 -0.80
N CYS B 296 14.20 12.43 -0.41
CA CYS B 296 13.66 13.78 -0.28
C CYS B 296 12.34 13.81 0.51
N GLY B 297 11.98 15.01 0.92
CA GLY B 297 10.68 15.23 1.49
C GLY B 297 10.01 16.17 0.56
N ILE B 298 8.70 16.04 0.46
CA ILE B 298 7.92 16.85 -0.45
C ILE B 298 6.71 17.44 0.29
N GLY B 299 6.49 18.73 0.08
CA GLY B 299 5.38 19.41 0.69
C GLY B 299 4.73 20.04 -0.48
N ILE B 300 3.43 19.78 -0.65
CA ILE B 300 2.67 20.33 -1.77
C ILE B 300 1.40 21.02 -1.25
N TYR B 301 1.00 22.13 -1.88
CA TYR B 301 -0.26 22.77 -1.53
C TYR B 301 -1.10 23.21 -2.72
N GLY B 302 -2.34 22.75 -2.79
CA GLY B 302 -3.21 23.12 -3.89
C GLY B 302 -4.62 22.97 -3.40
N PRO B 303 -5.18 24.06 -2.84
CA PRO B 303 -6.49 24.07 -2.17
C PRO B 303 -7.74 23.58 -2.89
N ALA B 304 -7.75 23.55 -4.24
CA ALA B 304 -8.90 22.98 -4.94
C ALA B 304 -8.77 21.47 -4.83
N ILE B 305 -9.78 20.83 -4.23
CA ILE B 305 -9.69 19.41 -4.01
C ILE B 305 -10.60 18.61 -4.96
N ASP B 306 -10.31 17.32 -5.09
CA ASP B 306 -11.11 16.48 -5.96
C ASP B 306 -12.19 15.76 -5.21
N GLU B 307 -12.88 14.86 -5.90
CA GLU B 307 -14.02 14.15 -5.34
C GLU B 307 -13.56 13.12 -4.29
N TYR B 308 -12.33 12.65 -4.38
CA TYR B 308 -11.82 11.75 -3.35
C TYR B 308 -11.39 12.49 -2.07
N GLY B 309 -11.07 13.79 -2.17
CA GLY B 309 -10.73 14.57 -0.97
C GLY B 309 -9.29 14.99 -0.98
N ASN B 310 -8.67 14.87 -2.15
CA ASN B 310 -7.25 15.14 -2.34
C ASN B 310 -7.09 16.33 -3.25
N SER B 311 -6.06 17.10 -2.98
CA SER B 311 -5.73 18.19 -3.86
C SER B 311 -5.72 17.75 -5.33
N LEU B 312 -6.54 18.39 -6.14
CA LEU B 312 -6.59 18.16 -7.59
C LEU B 312 -5.28 18.45 -8.30
N THR B 313 -4.79 19.69 -8.19
CA THR B 313 -3.60 20.15 -8.91
C THR B 313 -2.30 19.71 -8.24
N GLY B 314 -2.37 19.59 -6.92
CA GLY B 314 -1.27 19.01 -6.18
C GLY B 314 -1.06 17.53 -6.55
N GLY B 315 -2.16 16.77 -6.59
CA GLY B 315 -2.14 15.38 -7.07
C GLY B 315 -1.56 15.27 -8.48
N MSE B 316 -2.07 16.07 -9.42
CA MSE B 316 -1.51 16.08 -10.80
C MSE B 316 0.01 16.29 -10.82
O MSE B 316 0.74 15.51 -11.43
CB MSE B 316 -2.23 17.13 -11.66
CG MSE B 316 -3.72 16.78 -11.98
SE MSE B 316 -4.63 18.08 -12.87
CE MSE B 316 -6.01 17.13 -13.33
N LEU B 317 0.48 17.32 -10.14
CA LEU B 317 1.89 17.64 -10.02
C LEU B 317 2.78 16.52 -9.44
N LEU B 318 2.35 15.97 -8.30
CA LEU B 318 3.01 14.84 -7.70
C LEU B 318 3.12 13.68 -8.70
N LYS B 319 2.03 13.36 -9.40
CA LYS B 319 2.07 12.27 -10.41
C LYS B 319 3.08 12.53 -11.53
N HIS B 320 3.09 13.75 -12.06
CA HIS B 320 4.11 14.20 -13.01
C HIS B 320 5.54 13.98 -12.52
N MSE B 321 5.86 14.49 -11.34
CA MSE B 321 7.20 14.34 -10.75
C MSE B 321 7.55 12.89 -10.61
O MSE B 321 8.64 12.49 -11.00
CB MSE B 321 7.23 14.88 -9.34
CG MSE B 321 6.98 16.37 -9.24
SE MSE B 321 6.73 16.86 -7.32
CE MSE B 321 8.37 16.16 -6.50
N ALA B 322 6.63 12.12 -10.00
CA ALA B 322 6.87 10.68 -9.77
C ALA B 322 7.23 9.98 -11.07
N GLN B 323 6.52 10.31 -12.14
CA GLN B 323 6.66 9.66 -13.43
C GLN B 323 7.89 10.12 -14.13
N GLU B 324 8.07 11.43 -14.20
CA GLU B 324 9.25 12.01 -14.83
C GLU B 324 10.57 11.56 -14.16
N TRP B 325 10.61 11.56 -12.85
CA TRP B 325 11.85 11.32 -12.18
C TRP B 325 11.90 9.92 -11.61
N GLU B 326 10.92 9.08 -11.94
CA GLU B 326 10.95 7.68 -11.54
C GLU B 326 11.08 7.51 -10.04
N LEU B 327 10.18 8.16 -9.33
CA LEU B 327 10.24 8.16 -7.88
C LEU B 327 9.65 6.90 -7.25
N SER B 328 8.76 6.19 -7.96
CA SER B 328 8.10 5.01 -7.42
C SER B 328 9.08 4.11 -6.70
N ILE B 329 8.74 3.71 -5.48
CA ILE B 329 9.60 2.92 -4.62
C ILE B 329 9.43 1.43 -4.76
N PHE B 330 8.49 1.00 -5.58
CA PHE B 330 8.47 -0.40 -5.99
C PHE B 330 8.59 -0.24 -7.47
N ONL C . -9.71 -21.11 -5.72
CA ONL C . -9.81 -20.08 -4.68
C ONL C . -11.16 -19.38 -4.79
O ONL C . -11.48 -18.85 -5.87
OXT ONL C . -11.92 -19.34 -3.80
CB ONL C . -8.64 -19.10 -4.72
CG ONL C . -8.34 -18.66 -3.29
CD ONL C . -6.94 -18.11 -3.12
OD ONL C . -5.98 -18.79 -2.87
CE ONL C . -6.76 -16.83 -3.24
N ONL D . -11.03 17.80 10.64
CA ONL D . -11.32 17.07 9.40
C ONL D . -12.51 16.16 9.55
O ONL D . -13.46 16.25 8.74
OXT ONL D . -12.48 15.31 10.49
CB ONL D . -10.15 16.21 8.96
CG ONL D . -9.50 16.92 7.78
CD ONL D . -8.85 15.96 6.79
OD ONL D . -8.19 16.40 5.86
CE ONL D . -9.00 14.64 6.93
#